data_8PQC
#
_entry.id   8PQC
#
_cell.length_a   59.220
_cell.length_b   59.220
_cell.length_c   192.600
_cell.angle_alpha   90.000
_cell.angle_beta   90.000
_cell.angle_gamma   90.000
#
_symmetry.space_group_name_H-M   'P 21 21 21'
#
loop_
_entity.id
_entity.type
_entity.pdbx_description
1 polymer 'Mast/stem cell growth factor receptor Kit'
2 non-polymer (1~{S})-~{N}-ethyl-1-(4-fluorophenyl)-1-[2-[4-[6-(1-methylpyrazol-4-yl)pyrrolo[2,1-f][1,2,4]triazin-4-yl]piperazin-1-yl]pyrimidin-5-yl]ethanamine
3 water water
#
_entity_poly.entity_id   1
_entity_poly.type   'polypeptide(L)'
_entity_poly.pdbx_seq_one_letter_code
;GSMPMYEVQWKVVEESNGNNYSYIDPTQLPYDHKWEFPRNRLSFGKTLGAGAFGKVVEATAQGLIKSDAAMTVAVKMLKP
SAHSTEREALMSELKVLSYLGNHENIVNLLGACTHGGPTLVITEYCCYGDLLNFLRRKRDEFVPYKVAPEDLYKDFLTLE
HLLSFSYQVAKGMAFLASKNCIHRDLAARNILLTHGNITKICDFGLARDIKNDSNYVDKGNARLPVKWMAPESIFNSVYT
FESDVWSYGIFLWELFSLGSSPYPGMPVDSKFYKMIKEGFRMSSPEYAPAEMYDIMKTCWDADPDKRPTFKQIVQDIEKQ
ISESTNH
;
_entity_poly.pdbx_strand_id   A,B
#
loop_
_chem_comp.id
_chem_comp.type
_chem_comp.name
_chem_comp.formula
9OO non-polymer (1~{S})-~{N}-ethyl-1-(4-fluorophenyl)-1-[2-[4-[6-(1-methylpyrazol-4-yl)pyrrolo[2,1-f][1,2,4]triazin-4-yl]piperazin-1-yl]pyrimidin-5-yl]ethanamine 'C28 H31 F N10'
#
# COMPACT_ATOMS: atom_id res chain seq x y z
N ASN A 19 -33.60 -3.15 -12.58
CA ASN A 19 -32.95 -2.52 -11.44
C ASN A 19 -33.94 -2.29 -10.30
N ASN A 20 -34.23 -3.36 -9.55
CA ASN A 20 -35.15 -3.29 -8.42
C ASN A 20 -34.50 -2.83 -7.12
N TYR A 21 -33.17 -2.81 -7.06
CA TYR A 21 -32.43 -2.29 -5.93
C TYR A 21 -31.61 -1.10 -6.38
N SER A 22 -31.59 -0.02 -5.58
CA SER A 22 -30.78 1.13 -5.93
C SER A 22 -30.26 1.78 -4.66
N TYR A 23 -29.23 2.62 -4.83
CA TYR A 23 -28.72 3.44 -3.75
C TYR A 23 -29.63 4.64 -3.56
N ILE A 24 -30.05 4.89 -2.32
CA ILE A 24 -30.90 6.03 -2.01
C ILE A 24 -30.06 7.30 -1.97
N ASP A 25 -30.34 8.24 -2.87
CA ASP A 25 -29.62 9.51 -2.98
C ASP A 25 -30.16 10.49 -1.95
N PRO A 26 -29.37 10.81 -0.92
CA PRO A 26 -29.88 11.69 0.15
C PRO A 26 -30.38 13.02 -0.36
N THR A 27 -29.81 13.54 -1.45
CA THR A 27 -30.27 14.83 -1.96
C THR A 27 -31.58 14.74 -2.73
N GLN A 28 -32.07 13.53 -3.01
CA GLN A 28 -33.37 13.37 -3.66
C GLN A 28 -34.51 13.20 -2.66
N LEU A 29 -34.19 13.00 -1.38
CA LEU A 29 -35.23 12.76 -0.39
C LEU A 29 -35.91 14.08 -0.06
N PRO A 30 -37.16 14.02 0.41
CA PRO A 30 -37.85 15.25 0.81
C PRO A 30 -37.21 15.89 2.04
N TYR A 31 -37.31 17.21 2.12
CA TYR A 31 -36.91 17.91 3.33
C TYR A 31 -37.81 17.50 4.50
N ASP A 32 -37.20 17.13 5.62
CA ASP A 32 -37.95 16.65 6.78
C ASP A 32 -38.29 17.83 7.70
N HIS A 33 -39.57 18.13 7.81
CA HIS A 33 -39.95 19.32 8.60
C HIS A 33 -39.72 19.15 10.09
N LYS A 34 -39.21 18.01 10.55
CA LYS A 34 -38.79 17.96 11.94
C LYS A 34 -37.73 19.02 12.25
N TRP A 35 -37.00 19.47 11.23
CA TRP A 35 -35.97 20.49 11.38
C TRP A 35 -36.52 21.91 11.41
N GLU A 36 -37.78 22.13 11.07
CA GLU A 36 -38.24 23.48 10.77
C GLU A 36 -38.28 24.34 12.02
N PHE A 37 -37.81 25.59 11.88
CA PHE A 37 -37.75 26.52 12.98
C PHE A 37 -38.26 27.89 12.52
N PRO A 38 -39.02 28.61 13.35
CA PRO A 38 -39.63 29.87 12.88
C PRO A 38 -38.56 30.93 12.66
N ARG A 39 -38.53 31.44 11.43
CA ARG A 39 -37.69 32.57 11.03
C ARG A 39 -37.76 33.73 12.03
N ASN A 40 -38.95 34.05 12.54
CA ASN A 40 -39.08 35.23 13.39
C ASN A 40 -38.57 35.00 14.80
N ARG A 41 -37.95 33.86 15.08
CA ARG A 41 -37.30 33.62 16.36
C ARG A 41 -35.79 33.53 16.20
N LEU A 42 -35.26 33.95 15.06
CA LEU A 42 -33.84 34.05 14.79
C LEU A 42 -33.44 35.51 14.69
N SER A 43 -32.46 35.92 15.50
CA SER A 43 -31.95 37.28 15.52
C SER A 43 -30.50 37.28 15.06
N PHE A 44 -30.22 37.92 13.90
CA PHE A 44 -28.87 37.85 13.30
C PHE A 44 -27.91 38.78 14.02
N GLY A 45 -26.68 38.32 14.21
CA GLY A 45 -25.60 39.10 14.77
C GLY A 45 -24.45 39.28 13.79
N LYS A 46 -23.23 38.95 14.22
CA LYS A 46 -22.04 39.26 13.46
C LYS A 46 -21.88 38.30 12.28
N THR A 47 -21.38 38.82 11.16
CA THR A 47 -21.08 37.95 10.03
C THR A 47 -19.82 37.15 10.34
N LEU A 48 -19.89 35.83 10.18
CA LEU A 48 -18.76 34.96 10.45
C LEU A 48 -17.96 34.64 9.20
N GLY A 49 -18.59 34.68 8.04
CA GLY A 49 -17.90 34.47 6.78
C GLY A 49 -18.79 34.95 5.67
N ALA A 50 -18.18 35.42 4.58
CA ALA A 50 -18.97 35.94 3.48
C ALA A 50 -18.25 35.68 2.15
N GLY A 51 -19.05 35.65 1.09
CA GLY A 51 -18.55 35.48 -0.26
C GLY A 51 -19.43 36.13 -1.30
N ALA A 52 -19.26 35.75 -2.57
CA ALA A 52 -19.95 36.43 -3.66
C ALA A 52 -21.47 36.38 -3.50
N PHE A 53 -22.02 35.19 -3.19
CA PHE A 53 -23.46 35.03 -3.16
C PHE A 53 -24.00 34.54 -1.81
N GLY A 54 -23.17 34.42 -0.77
CA GLY A 54 -23.68 33.98 0.50
C GLY A 54 -22.90 34.48 1.71
N LYS A 55 -23.47 34.24 2.89
CA LYS A 55 -22.75 34.49 4.12
C LYS A 55 -23.24 33.55 5.22
N VAL A 56 -22.45 33.44 6.27
CA VAL A 56 -22.82 32.75 7.49
C VAL A 56 -22.76 33.77 8.61
N VAL A 57 -23.79 33.80 9.45
CA VAL A 57 -23.81 34.78 10.54
C VAL A 57 -24.03 34.06 11.85
N GLU A 58 -23.55 34.69 12.93
CA GLU A 58 -23.92 34.27 14.26
C GLU A 58 -25.34 34.76 14.52
N ALA A 59 -26.13 33.95 15.25
CA ALA A 59 -27.50 34.36 15.56
C ALA A 59 -27.91 33.80 16.91
N THR A 60 -29.00 34.36 17.45
N THR A 60 -29.00 34.35 17.45
CA THR A 60 -29.65 33.79 18.63
CA THR A 60 -29.65 33.80 18.63
C THR A 60 -30.92 33.10 18.17
C THR A 60 -30.94 33.12 18.18
N ALA A 61 -31.16 31.89 18.67
CA ALA A 61 -32.32 31.09 18.29
C ALA A 61 -33.19 30.91 19.52
N GLN A 62 -34.30 31.66 19.60
CA GLN A 62 -35.13 31.63 20.79
C GLN A 62 -36.00 30.38 20.80
N GLY A 63 -35.83 29.56 21.83
CA GLY A 63 -36.67 28.38 21.97
C GLY A 63 -36.25 27.21 21.11
N LEU A 64 -35.02 27.23 20.59
CA LEU A 64 -34.57 26.13 19.73
C LEU A 64 -34.44 24.83 20.53
N ILE A 65 -33.66 24.85 21.60
CA ILE A 65 -33.43 23.69 22.45
C ILE A 65 -34.19 23.82 23.76
N LYS A 66 -33.89 24.86 24.53
CA LYS A 66 -34.49 25.07 25.84
C LYS A 66 -35.73 25.95 25.69
N SER A 67 -36.88 25.43 26.13
CA SER A 67 -38.17 26.06 25.83
C SER A 67 -38.22 27.53 26.18
N ASP A 68 -37.44 27.97 27.18
CA ASP A 68 -37.50 29.35 27.67
C ASP A 68 -36.21 30.13 27.43
N ALA A 69 -35.17 29.52 26.88
CA ALA A 69 -33.87 30.15 26.80
C ALA A 69 -33.36 30.18 25.36
N ALA A 70 -32.46 31.13 25.12
CA ALA A 70 -31.91 31.41 23.80
C ALA A 70 -30.55 30.76 23.66
N MET A 71 -30.26 30.33 22.43
CA MET A 71 -29.05 29.58 22.13
C MET A 71 -28.33 30.26 20.98
N THR A 72 -27.02 30.44 21.12
CA THR A 72 -26.24 30.99 20.02
C THR A 72 -26.01 29.91 18.97
N VAL A 73 -26.26 30.24 17.71
CA VAL A 73 -26.13 29.32 16.59
C VAL A 73 -25.42 30.03 15.44
N ALA A 74 -25.10 29.26 14.39
CA ALA A 74 -24.69 29.85 13.12
C ALA A 74 -25.78 29.61 12.08
N VAL A 75 -25.93 30.56 11.17
CA VAL A 75 -26.96 30.48 10.12
C VAL A 75 -26.33 30.74 8.76
N LYS A 76 -26.46 29.79 7.84
CA LYS A 76 -25.99 29.92 6.48
C LYS A 76 -27.14 30.34 5.56
N MET A 77 -26.87 31.31 4.68
CA MET A 77 -27.89 31.93 3.85
C MET A 77 -27.27 32.54 2.60
N LEU A 78 -28.06 32.65 1.56
CA LEU A 78 -27.59 33.26 0.32
C LEU A 78 -27.97 34.74 0.29
N LYS A 79 -27.25 35.49 -0.53
CA LYS A 79 -27.59 36.87 -0.78
C LYS A 79 -28.81 36.96 -1.69
N PRO A 80 -29.55 38.07 -1.63
CA PRO A 80 -30.76 38.20 -2.47
C PRO A 80 -30.48 37.98 -3.95
N SER A 81 -29.29 38.31 -4.43
CA SER A 81 -28.93 38.21 -5.84
C SER A 81 -28.56 36.80 -6.26
N ALA A 82 -28.57 35.82 -5.36
CA ALA A 82 -28.09 34.49 -5.71
C ALA A 82 -28.96 33.87 -6.79
N HIS A 83 -28.32 33.10 -7.67
CA HIS A 83 -29.01 32.43 -8.76
C HIS A 83 -29.55 31.07 -8.31
N SER A 84 -30.42 30.51 -9.13
CA SER A 84 -31.13 29.28 -8.76
C SER A 84 -30.17 28.15 -8.47
N THR A 85 -29.04 28.09 -9.19
CA THR A 85 -28.06 27.03 -8.97
C THR A 85 -27.54 27.05 -7.55
N GLU A 86 -27.25 28.25 -7.03
CA GLU A 86 -26.76 28.38 -5.66
C GLU A 86 -27.84 28.04 -4.65
N ARG A 87 -29.09 28.40 -4.94
CA ARG A 87 -30.18 28.07 -4.02
C ARG A 87 -30.39 26.56 -3.94
N GLU A 88 -30.36 25.86 -5.08
CA GLU A 88 -30.50 24.41 -5.03
C GLU A 88 -29.33 23.78 -4.28
N ALA A 89 -28.12 24.34 -4.45
CA ALA A 89 -26.96 23.79 -3.75
C ALA A 89 -27.08 23.93 -2.24
N LEU A 90 -27.71 25.02 -1.77
CA LEU A 90 -27.87 25.15 -0.33
C LEU A 90 -28.88 24.13 0.20
N MET A 91 -30.00 23.95 -0.50
CA MET A 91 -30.95 22.91 -0.08
C MET A 91 -30.32 21.52 -0.12
N SER A 92 -29.47 21.25 -1.12
CA SER A 92 -28.81 19.94 -1.17
C SER A 92 -27.91 19.73 0.05
N GLU A 93 -27.18 20.78 0.47
CA GLU A 93 -26.35 20.67 1.66
C GLU A 93 -27.20 20.37 2.90
N LEU A 94 -28.33 21.05 3.04
CA LEU A 94 -29.24 20.77 4.15
C LEU A 94 -29.66 19.30 4.16
N LYS A 95 -29.99 18.75 2.98
CA LYS A 95 -30.41 17.35 2.92
C LYS A 95 -29.26 16.38 3.25
N VAL A 96 -28.03 16.69 2.79
CA VAL A 96 -26.88 15.87 3.15
C VAL A 96 -26.66 15.88 4.66
N LEU A 97 -26.73 17.06 5.28
N LEU A 97 -26.73 17.06 5.27
CA LEU A 97 -26.58 17.15 6.72
CA LEU A 97 -26.57 17.16 6.72
C LEU A 97 -27.69 16.41 7.45
C LEU A 97 -27.69 16.41 7.45
N SER A 98 -28.92 16.49 6.92
CA SER A 98 -30.02 15.77 7.55
CA SER A 98 -30.03 15.77 7.54
C SER A 98 -29.79 14.28 7.52
N TYR A 99 -29.18 13.77 6.43
CA TYR A 99 -28.97 12.33 6.28
C TYR A 99 -27.80 11.85 7.11
N LEU A 100 -26.76 12.67 7.23
CA LEU A 100 -25.53 12.24 7.91
C LEU A 100 -25.78 11.88 9.36
N GLY A 101 -26.63 12.64 10.05
CA GLY A 101 -26.79 12.44 11.48
C GLY A 101 -25.68 13.13 12.25
N ASN A 102 -25.72 12.95 13.56
CA ASN A 102 -24.96 13.76 14.49
C ASN A 102 -23.61 13.12 14.79
N HIS A 103 -22.58 13.94 14.97
CA HIS A 103 -21.27 13.46 15.42
C HIS A 103 -20.54 14.59 16.14
N GLU A 104 -19.78 14.23 17.17
CA GLU A 104 -19.09 15.21 18.01
C GLU A 104 -18.11 16.07 17.21
N ASN A 105 -17.49 15.53 16.17
CA ASN A 105 -16.43 16.24 15.45
C ASN A 105 -16.87 16.82 14.13
N ILE A 106 -18.17 17.01 13.92
CA ILE A 106 -18.65 17.84 12.83
C ILE A 106 -19.52 18.96 13.39
N VAL A 107 -19.67 20.02 12.60
CA VAL A 107 -20.57 21.13 12.95
C VAL A 107 -21.98 20.66 12.63
N ASN A 108 -22.77 20.37 13.66
CA ASN A 108 -24.01 19.63 13.44
C ASN A 108 -25.16 20.53 13.01
N LEU A 109 -26.06 19.95 12.24
CA LEU A 109 -27.30 20.62 11.89
C LEU A 109 -28.22 20.73 13.10
N LEU A 110 -28.76 21.93 13.33
CA LEU A 110 -29.73 22.11 14.40
C LEU A 110 -31.15 22.42 13.90
N GLY A 111 -31.29 22.94 12.69
CA GLY A 111 -32.61 23.33 12.23
C GLY A 111 -32.51 24.04 10.91
N ALA A 112 -33.69 24.42 10.39
CA ALA A 112 -33.73 25.09 9.10
C ALA A 112 -35.00 25.92 9.02
N CYS A 113 -34.95 26.98 8.20
CA CYS A 113 -36.12 27.77 7.84
C CYS A 113 -36.33 27.61 6.34
N THR A 114 -37.51 27.09 5.94
CA THR A 114 -37.72 26.87 4.51
C THR A 114 -38.98 27.56 3.98
N HIS A 115 -40.01 27.71 4.79
CA HIS A 115 -41.15 28.44 4.26
C HIS A 115 -41.19 29.85 4.82
N GLY A 116 -41.88 30.71 4.09
CA GLY A 116 -41.90 32.12 4.39
C GLY A 116 -40.73 32.92 3.86
N GLY A 117 -39.83 32.30 3.07
CA GLY A 117 -38.66 33.00 2.60
C GLY A 117 -37.55 32.05 2.15
N PRO A 118 -36.37 32.62 1.86
CA PRO A 118 -35.25 31.78 1.39
C PRO A 118 -34.78 30.79 2.46
N THR A 119 -34.05 29.78 2.00
CA THR A 119 -33.56 28.73 2.87
C THR A 119 -32.51 29.28 3.83
N LEU A 120 -32.71 29.04 5.13
CA LEU A 120 -31.69 29.27 6.15
C LEU A 120 -31.33 27.95 6.79
N VAL A 121 -30.04 27.69 6.94
CA VAL A 121 -29.56 26.45 7.54
C VAL A 121 -28.91 26.81 8.86
N ILE A 122 -29.44 26.25 9.97
CA ILE A 122 -29.00 26.57 11.33
C ILE A 122 -28.06 25.47 11.82
N THR A 123 -26.82 25.83 12.19
CA THR A 123 -25.86 24.84 12.67
C THR A 123 -25.33 25.27 14.04
N GLU A 124 -24.59 24.36 14.66
CA GLU A 124 -23.86 24.68 15.89
C GLU A 124 -22.92 25.86 15.66
N TYR A 125 -22.79 26.71 16.68
CA TYR A 125 -21.81 27.79 16.68
C TYR A 125 -20.56 27.36 17.46
N CYS A 126 -19.38 27.62 16.88
CA CYS A 126 -18.09 27.24 17.47
C CYS A 126 -17.34 28.49 17.91
N CYS A 127 -17.20 28.66 19.22
CA CYS A 127 -16.90 29.98 19.77
C CYS A 127 -15.48 30.47 19.46
N TYR A 128 -14.54 29.58 19.14
CA TYR A 128 -13.15 30.00 18.91
C TYR A 128 -12.80 30.19 17.43
N GLY A 129 -13.73 29.93 16.52
CA GLY A 129 -13.45 30.19 15.12
C GLY A 129 -12.62 29.09 14.46
N ASP A 130 -12.08 29.42 13.29
CA ASP A 130 -11.40 28.42 12.50
C ASP A 130 -10.00 28.15 13.06
N LEU A 131 -9.54 26.93 12.81
CA LEU A 131 -8.28 26.46 13.37
C LEU A 131 -7.08 27.16 12.74
N LEU A 132 -7.17 27.55 11.46
CA LEU A 132 -6.02 28.17 10.81
C LEU A 132 -5.67 29.50 11.47
N ASN A 133 -6.68 30.35 11.66
CA ASN A 133 -6.44 31.61 12.36
C ASN A 133 -6.05 31.39 13.81
N PHE A 134 -6.59 30.36 14.43
CA PHE A 134 -6.25 30.07 15.83
C PHE A 134 -4.78 29.70 15.94
N LEU A 135 -4.29 28.87 15.02
CA LEU A 135 -2.89 28.46 15.06
C LEU A 135 -1.97 29.65 14.81
N ARG A 136 -2.32 30.50 13.84
CA ARG A 136 -1.52 31.68 13.57
C ARG A 136 -1.49 32.64 14.77
N ARG A 137 -2.61 32.72 15.50
CA ARG A 137 -2.65 33.54 16.71
C ARG A 137 -1.80 32.95 17.83
N LYS A 138 -1.74 31.63 17.91
CA LYS A 138 -1.05 30.94 19.00
C LYS A 138 0.40 30.62 18.67
N ARG A 139 0.84 30.93 17.45
CA ARG A 139 2.16 30.51 16.98
C ARG A 139 3.27 31.02 17.87
N ASP A 140 3.20 32.29 18.30
CA ASP A 140 4.28 32.85 19.11
C ASP A 140 4.29 32.28 20.52
N GLU A 141 3.12 31.95 21.06
CA GLU A 141 3.01 31.32 22.37
C GLU A 141 2.66 29.84 22.21
N PHE A 142 3.54 29.10 21.52
CA PHE A 142 3.45 27.66 21.41
C PHE A 142 4.70 27.06 22.02
N VAL A 143 4.53 26.05 22.87
CA VAL A 143 5.67 25.32 23.42
C VAL A 143 5.39 23.83 23.28
N PRO A 144 6.32 23.03 22.76
CA PRO A 144 6.00 21.61 22.55
C PRO A 144 5.53 20.89 23.82
N TYR A 145 6.16 21.14 24.96
CA TYR A 145 5.81 20.52 26.23
C TYR A 145 5.53 21.59 27.27
N LYS A 146 4.41 21.46 27.98
CA LYS A 146 4.06 22.34 29.09
C LYS A 146 5.03 22.15 30.25
N ASP A 155 -2.15 29.58 29.23
CA ASP A 155 -2.99 29.02 28.16
C ASP A 155 -2.19 28.90 26.88
N PHE A 156 -1.20 28.00 26.88
CA PHE A 156 -0.29 27.83 25.76
C PHE A 156 -0.65 26.58 24.96
N LEU A 157 -0.51 26.68 23.64
CA LEU A 157 -0.64 25.53 22.76
C LEU A 157 0.59 24.63 22.86
N THR A 158 0.37 23.32 22.84
CA THR A 158 1.42 22.32 22.99
C THR A 158 1.26 21.18 21.97
N LEU A 159 2.25 20.29 21.99
N LEU A 159 2.26 20.29 21.96
CA LEU A 159 2.23 19.13 21.09
CA LEU A 159 2.19 19.14 21.06
C LEU A 159 1.03 18.24 21.37
C LEU A 159 1.00 18.26 21.37
N GLU A 160 0.67 18.10 22.67
CA GLU A 160 -0.48 17.27 23.03
C GLU A 160 -1.76 17.79 22.39
N HIS A 161 -1.92 19.13 22.34
CA HIS A 161 -3.07 19.73 21.66
C HIS A 161 -3.09 19.39 20.17
N LEU A 162 -1.95 19.56 19.51
CA LEU A 162 -1.90 19.29 18.07
C LEU A 162 -2.24 17.84 17.77
N LEU A 163 -1.70 16.91 18.55
N LEU A 163 -1.69 16.90 18.55
CA LEU A 163 -2.05 15.49 18.38
CA LEU A 163 -2.05 15.50 18.37
C LEU A 163 -3.54 15.26 18.60
C LEU A 163 -3.55 15.28 18.58
N SER A 164 -4.13 15.92 19.60
CA SER A 164 -5.57 15.81 19.81
C SER A 164 -6.36 16.34 18.61
N PHE A 165 -5.97 17.50 18.07
CA PHE A 165 -6.69 18.01 16.90
C PHE A 165 -6.58 17.05 15.72
N SER A 166 -5.39 16.47 15.50
CA SER A 166 -5.24 15.51 14.40
C SER A 166 -6.18 14.33 14.58
N TYR A 167 -6.31 13.84 15.81
CA TYR A 167 -7.15 12.67 16.12
C TYR A 167 -8.64 12.98 15.91
N GLN A 168 -9.08 14.12 16.44
CA GLN A 168 -10.48 14.51 16.33
C GLN A 168 -10.90 14.74 14.88
N VAL A 169 -10.06 15.39 14.07
CA VAL A 169 -10.41 15.57 12.66
C VAL A 169 -10.46 14.23 11.94
N ALA A 170 -9.54 13.33 12.27
CA ALA A 170 -9.57 11.98 11.70
C ALA A 170 -10.85 11.22 12.09
N LYS A 171 -11.31 11.36 13.33
CA LYS A 171 -12.56 10.70 13.74
C LYS A 171 -13.76 11.30 13.00
N GLY A 172 -13.78 12.62 12.84
CA GLY A 172 -14.90 13.22 12.09
C GLY A 172 -14.92 12.74 10.65
N MET A 173 -13.73 12.61 10.05
CA MET A 173 -13.66 12.18 8.64
C MET A 173 -13.99 10.70 8.52
N ALA A 174 -13.52 9.87 9.47
CA ALA A 174 -13.93 8.47 9.48
C ALA A 174 -15.44 8.33 9.55
N PHE A 175 -16.10 9.18 10.34
CA PHE A 175 -17.56 9.18 10.40
C PHE A 175 -18.18 9.53 9.04
N LEU A 176 -17.68 10.58 8.37
CA LEU A 176 -18.20 10.91 7.04
C LEU A 176 -18.03 9.74 6.07
N ALA A 177 -16.83 9.14 6.04
CA ALA A 177 -16.61 8.04 5.12
C ALA A 177 -17.49 6.85 5.47
N SER A 178 -17.79 6.65 6.75
CA SER A 178 -18.66 5.53 7.13
C SER A 178 -20.08 5.74 6.65
N LYS A 179 -20.44 6.97 6.35
CA LYS A 179 -21.72 7.30 5.74
C LYS A 179 -21.61 7.48 4.22
N ASN A 180 -20.50 7.01 3.62
CA ASN A 180 -20.26 7.07 2.18
C ASN A 180 -20.24 8.50 1.65
N CYS A 181 -19.69 9.42 2.44
N CYS A 181 -19.71 9.43 2.43
CA CYS A 181 -19.66 10.85 2.12
CA CYS A 181 -19.66 10.82 2.01
C CYS A 181 -18.23 11.33 1.95
C CYS A 181 -18.23 11.31 1.91
N ILE A 182 -18.00 12.24 0.99
CA ILE A 182 -16.75 12.96 0.88
C ILE A 182 -17.01 14.45 1.09
N HIS A 183 -16.00 15.15 1.63
CA HIS A 183 -16.16 16.56 1.97
C HIS A 183 -15.69 17.51 0.86
N ARG A 184 -14.56 17.21 0.22
CA ARG A 184 -13.97 17.88 -0.94
C ARG A 184 -13.35 19.24 -0.66
N ASP A 185 -13.38 19.73 0.58
CA ASP A 185 -12.65 20.97 0.91
C ASP A 185 -12.08 20.88 2.32
N LEU A 186 -11.44 19.76 2.63
CA LEU A 186 -10.81 19.62 3.95
C LEU A 186 -9.53 20.46 4.00
N ALA A 187 -9.40 21.25 5.05
CA ALA A 187 -8.33 22.23 5.21
C ALA A 187 -8.49 22.85 6.59
N ALA A 188 -7.38 23.37 7.15
CA ALA A 188 -7.48 23.96 8.48
C ALA A 188 -8.51 25.10 8.55
N ARG A 189 -8.71 25.84 7.45
CA ARG A 189 -9.70 26.91 7.45
C ARG A 189 -11.13 26.38 7.58
N ASN A 190 -11.36 25.08 7.33
CA ASN A 190 -12.67 24.46 7.48
C ASN A 190 -12.75 23.53 8.68
N ILE A 191 -11.90 23.74 9.68
CA ILE A 191 -12.00 23.07 10.96
C ILE A 191 -12.21 24.16 12.00
N LEU A 192 -13.23 24.01 12.84
CA LEU A 192 -13.55 25.02 13.83
C LEU A 192 -13.28 24.47 15.23
N LEU A 193 -13.03 25.37 16.17
CA LEU A 193 -12.71 25.00 17.54
C LEU A 193 -13.79 25.56 18.47
N THR A 194 -14.25 24.74 19.41
CA THR A 194 -15.29 25.16 20.33
C THR A 194 -14.83 24.83 21.74
N HIS A 195 -15.78 24.85 22.68
CA HIS A 195 -15.45 24.63 24.08
C HIS A 195 -14.84 23.25 24.31
N GLY A 196 -13.91 23.18 25.26
CA GLY A 196 -13.30 21.91 25.59
C GLY A 196 -12.25 21.42 24.62
N ASN A 197 -11.72 22.30 23.77
CA ASN A 197 -10.74 21.92 22.76
C ASN A 197 -11.30 20.86 21.81
N ILE A 198 -12.60 20.92 21.54
CA ILE A 198 -13.23 20.03 20.58
C ILE A 198 -13.20 20.70 19.21
N THR A 199 -12.72 19.96 18.20
CA THR A 199 -12.62 20.46 16.84
C THR A 199 -13.76 19.85 16.03
N LYS A 200 -14.31 20.65 15.12
CA LYS A 200 -15.45 20.25 14.31
C LYS A 200 -15.24 20.64 12.86
N ILE A 201 -15.47 19.69 11.94
CA ILE A 201 -15.37 19.96 10.51
C ILE A 201 -16.59 20.78 10.09
N CYS A 202 -16.38 21.84 9.31
CA CYS A 202 -17.50 22.69 8.86
C CYS A 202 -17.53 22.80 7.34
N ASP A 203 -18.55 23.52 6.85
CA ASP A 203 -18.80 23.82 5.44
C ASP A 203 -18.97 22.57 4.59
N PHE A 204 -20.20 22.07 4.51
CA PHE A 204 -20.49 20.90 3.71
C PHE A 204 -21.07 21.27 2.35
N GLY A 205 -20.76 22.47 1.88
CA GLY A 205 -21.33 22.94 0.61
C GLY A 205 -20.95 22.08 -0.58
N LEU A 206 -19.77 21.46 -0.53
CA LEU A 206 -19.34 20.60 -1.63
C LEU A 206 -19.38 19.12 -1.27
N ALA A 207 -19.88 18.77 -0.09
CA ALA A 207 -19.90 17.37 0.32
C ALA A 207 -20.87 16.58 -0.55
N ARG A 208 -20.51 15.33 -0.83
CA ARG A 208 -21.27 14.47 -1.74
C ARG A 208 -21.37 13.08 -1.15
N ASP A 209 -22.53 12.44 -1.34
CA ASP A 209 -22.64 11.00 -1.18
C ASP A 209 -22.18 10.35 -2.48
N ILE A 210 -21.30 9.38 -2.42
CA ILE A 210 -20.74 8.91 -3.69
C ILE A 210 -21.24 7.52 -4.08
N LYS A 211 -22.30 7.02 -3.44
CA LYS A 211 -23.02 5.82 -3.89
C LYS A 211 -22.13 4.61 -4.15
N SER A 214 -18.37 4.97 -7.23
CA SER A 214 -17.35 4.94 -6.20
C SER A 214 -16.52 6.22 -6.18
N ASN A 215 -16.92 7.21 -6.98
CA ASN A 215 -16.22 8.48 -7.02
C ASN A 215 -17.22 9.58 -7.34
N TYR A 216 -16.70 10.78 -7.57
CA TYR A 216 -17.50 11.91 -8.00
C TYR A 216 -16.68 12.70 -9.01
N VAL A 217 -17.28 13.01 -10.16
CA VAL A 217 -16.60 13.76 -11.22
C VAL A 217 -17.21 15.15 -11.27
N ASP A 218 -16.44 16.15 -10.84
CA ASP A 218 -16.93 17.52 -10.83
C ASP A 218 -16.99 18.07 -12.25
N LYS A 219 -18.17 18.54 -12.66
CA LYS A 219 -18.33 19.19 -13.96
C LYS A 219 -18.45 20.70 -13.82
N GLY A 220 -18.16 21.24 -12.64
CA GLY A 220 -18.38 22.65 -12.36
C GLY A 220 -17.29 23.57 -12.88
N ASN A 221 -17.46 24.86 -12.58
CA ASN A 221 -16.65 25.93 -13.15
C ASN A 221 -16.04 26.84 -12.09
N ALA A 222 -15.89 26.36 -10.85
CA ALA A 222 -15.58 27.25 -9.74
C ALA A 222 -14.08 27.34 -9.49
N ARG A 223 -13.70 28.31 -8.65
CA ARG A 223 -12.33 28.36 -8.15
C ARG A 223 -12.12 27.20 -7.20
N LEU A 224 -10.92 26.62 -7.24
CA LEU A 224 -10.68 25.38 -6.52
C LEU A 224 -9.47 25.54 -5.60
N PRO A 225 -9.45 24.79 -4.50
CA PRO A 225 -8.36 24.88 -3.50
C PRO A 225 -7.16 24.03 -3.93
N VAL A 226 -6.47 24.50 -4.98
CA VAL A 226 -5.51 23.68 -5.72
C VAL A 226 -4.47 23.05 -4.80
N LYS A 227 -3.94 23.82 -3.84
CA LYS A 227 -2.83 23.28 -3.06
C LYS A 227 -3.26 22.21 -2.06
N TRP A 228 -4.57 21.98 -1.87
CA TRP A 228 -5.09 20.91 -1.02
C TRP A 228 -5.57 19.69 -1.80
N MET A 229 -5.52 19.74 -3.13
CA MET A 229 -6.18 18.74 -3.97
C MET A 229 -5.24 17.59 -4.35
N ALA A 230 -5.78 16.38 -4.39
CA ALA A 230 -5.05 15.24 -4.93
C ALA A 230 -4.78 15.44 -6.42
N PRO A 231 -3.65 14.92 -6.93
CA PRO A 231 -3.36 15.07 -8.37
C PRO A 231 -4.48 14.60 -9.25
N GLU A 232 -5.12 13.48 -8.90
CA GLU A 232 -6.19 12.97 -9.75
C GLU A 232 -7.40 13.91 -9.75
N SER A 233 -7.59 14.70 -8.68
CA SER A 233 -8.67 15.70 -8.70
C SER A 233 -8.31 16.87 -9.60
N ILE A 234 -7.06 17.33 -9.54
CA ILE A 234 -6.62 18.40 -10.43
C ILE A 234 -6.70 17.95 -11.89
N PHE A 235 -6.11 16.79 -12.19
CA PHE A 235 -5.90 16.43 -13.59
C PHE A 235 -7.15 15.84 -14.24
N ASN A 236 -8.00 15.16 -13.45
CA ASN A 236 -9.14 14.44 -14.01
C ASN A 236 -10.48 14.77 -13.34
N SER A 237 -10.49 15.76 -12.44
CA SER A 237 -11.70 16.19 -11.72
C SER A 237 -12.38 15.04 -10.98
N VAL A 238 -11.60 14.05 -10.54
CA VAL A 238 -12.09 12.86 -9.84
C VAL A 238 -11.93 13.05 -8.33
N TYR A 239 -13.01 12.85 -7.58
CA TYR A 239 -12.97 12.94 -6.11
C TYR A 239 -13.48 11.64 -5.49
N THR A 240 -12.84 11.22 -4.40
CA THR A 240 -13.03 9.90 -3.80
C THR A 240 -12.72 9.97 -2.30
N PHE A 241 -13.05 8.88 -1.58
CA PHE A 241 -12.57 8.75 -0.20
C PHE A 241 -11.08 9.04 -0.11
N GLU A 242 -10.32 8.58 -1.11
CA GLU A 242 -8.86 8.68 -1.08
C GLU A 242 -8.37 10.11 -1.36
N SER A 243 -9.13 10.93 -2.08
CA SER A 243 -8.72 12.32 -2.27
C SER A 243 -9.00 13.15 -1.03
N ASP A 244 -10.05 12.82 -0.28
CA ASP A 244 -10.21 13.44 1.05
C ASP A 244 -9.01 13.10 1.94
N VAL A 245 -8.47 11.88 1.83
CA VAL A 245 -7.31 11.53 2.66
C VAL A 245 -6.09 12.36 2.25
N TRP A 246 -5.89 12.60 0.94
CA TRP A 246 -4.80 13.47 0.52
C TRP A 246 -4.92 14.84 1.22
N SER A 247 -6.11 15.43 1.18
CA SER A 247 -6.33 16.74 1.78
C SER A 247 -6.07 16.72 3.29
N TYR A 248 -6.42 15.61 3.95
CA TYR A 248 -6.09 15.48 5.37
C TYR A 248 -4.59 15.54 5.60
N GLY A 249 -3.80 14.89 4.72
CA GLY A 249 -2.35 15.03 4.81
C GLY A 249 -1.91 16.48 4.74
N ILE A 250 -2.49 17.25 3.82
CA ILE A 250 -2.14 18.67 3.74
C ILE A 250 -2.56 19.39 5.01
N PHE A 251 -3.74 19.05 5.55
CA PHE A 251 -4.17 19.65 6.82
C PHE A 251 -3.16 19.36 7.92
N LEU A 252 -2.63 18.14 7.97
CA LEU A 252 -1.65 17.83 9.01
C LEU A 252 -0.40 18.71 8.87
N TRP A 253 -0.01 19.01 7.63
CA TRP A 253 1.16 19.88 7.43
C TRP A 253 0.85 21.30 7.91
N GLU A 254 -0.35 21.81 7.62
CA GLU A 254 -0.76 23.10 8.19
C GLU A 254 -0.73 23.07 9.70
N LEU A 255 -1.29 22.01 10.27
CA LEU A 255 -1.39 21.90 11.73
C LEU A 255 -0.02 21.94 12.39
N PHE A 256 0.90 21.07 11.97
CA PHE A 256 2.16 20.99 12.68
C PHE A 256 3.11 22.10 12.28
N SER A 257 2.85 22.81 11.19
CA SER A 257 3.59 24.04 10.87
C SER A 257 3.00 25.26 11.54
N LEU A 258 2.00 25.09 12.40
CA LEU A 258 1.38 26.20 13.13
C LEU A 258 0.76 27.23 12.18
N GLY A 259 0.15 26.72 11.11
CA GLY A 259 -0.63 27.56 10.22
C GLY A 259 0.10 28.15 9.04
N SER A 260 1.25 27.61 8.65
CA SER A 260 1.87 28.05 7.41
C SER A 260 1.02 27.69 6.20
N SER A 261 1.13 28.49 5.15
CA SER A 261 0.49 28.15 3.89
C SER A 261 1.28 27.03 3.20
N PRO A 262 0.60 26.05 2.62
CA PRO A 262 1.31 24.93 2.00
C PRO A 262 2.11 25.36 0.77
N TYR A 263 3.11 24.54 0.47
CA TYR A 263 4.05 24.77 -0.61
C TYR A 263 4.57 26.21 -0.61
N PRO A 264 5.23 26.64 0.47
CA PRO A 264 5.65 28.03 0.56
C PRO A 264 6.56 28.43 -0.60
N GLY A 265 6.37 29.65 -1.09
CA GLY A 265 7.18 30.14 -2.19
C GLY A 265 6.96 29.45 -3.51
N MET A 266 5.79 28.85 -3.71
CA MET A 266 5.45 28.17 -4.96
C MET A 266 4.13 28.74 -5.46
N PRO A 267 4.13 29.49 -6.56
CA PRO A 267 2.86 29.88 -7.17
C PRO A 267 2.19 28.67 -7.81
N VAL A 268 0.86 28.73 -7.95
CA VAL A 268 0.14 27.71 -8.70
C VAL A 268 0.32 28.04 -10.18
N ASP A 269 1.23 27.35 -10.85
CA ASP A 269 1.51 27.55 -12.26
C ASP A 269 1.89 26.21 -12.86
N SER A 270 2.37 26.22 -14.11
CA SER A 270 2.71 24.96 -14.76
C SER A 270 3.83 24.22 -14.03
N LYS A 271 4.76 24.96 -13.40
CA LYS A 271 5.82 24.28 -12.68
C LYS A 271 5.28 23.53 -11.47
N PHE A 272 4.28 24.11 -10.79
CA PHE A 272 3.69 23.43 -9.63
C PHE A 272 3.07 22.10 -10.03
N TYR A 273 2.23 22.11 -11.07
CA TYR A 273 1.58 20.87 -11.47
C TYR A 273 2.60 19.82 -11.87
N LYS A 274 3.63 20.23 -12.62
CA LYS A 274 4.64 19.29 -13.09
C LYS A 274 5.39 18.66 -11.92
N MET A 275 5.74 19.48 -10.91
CA MET A 275 6.44 18.97 -9.74
C MET A 275 5.59 17.97 -8.95
N ILE A 276 4.32 18.30 -8.70
CA ILE A 276 3.43 17.36 -8.01
C ILE A 276 3.33 16.05 -8.77
N LYS A 277 3.13 16.12 -10.08
CA LYS A 277 2.98 14.90 -10.87
C LYS A 277 4.24 14.04 -10.83
N GLU A 278 5.43 14.66 -10.79
CA GLU A 278 6.70 13.93 -10.79
C GLU A 278 7.03 13.32 -9.43
N GLY A 279 6.36 13.78 -8.38
CA GLY A 279 6.46 13.15 -7.07
C GLY A 279 6.98 14.08 -5.99
N PHE A 280 7.11 15.37 -6.29
CA PHE A 280 7.52 16.29 -5.24
C PHE A 280 6.52 16.34 -4.10
N ARG A 281 7.02 16.35 -2.86
CA ARG A 281 6.15 16.48 -1.70
C ARG A 281 6.79 17.42 -0.70
N MET A 282 5.97 18.07 0.11
CA MET A 282 6.51 18.94 1.16
C MET A 282 7.33 18.15 2.18
N SER A 283 8.34 18.80 2.72
N SER A 283 8.36 18.80 2.71
CA SER A 283 9.14 18.27 3.81
CA SER A 283 9.16 18.25 3.80
C SER A 283 8.39 18.38 5.13
C SER A 283 8.40 18.38 5.12
N SER A 284 8.92 17.71 6.16
CA SER A 284 8.25 17.68 7.45
CA SER A 284 8.24 17.69 7.43
C SER A 284 8.29 19.07 8.09
N PRO A 285 7.20 19.50 8.70
CA PRO A 285 7.29 20.67 9.58
C PRO A 285 8.21 20.34 10.73
N GLU A 286 8.84 21.39 11.28
N GLU A 286 8.84 21.38 11.27
CA GLU A 286 9.82 21.20 12.34
CA GLU A 286 9.80 21.19 12.35
C GLU A 286 9.22 20.44 13.52
C GLU A 286 9.19 20.41 13.50
N TYR A 287 8.00 20.79 13.93
CA TYR A 287 7.41 20.25 15.15
C TYR A 287 6.53 19.03 14.93
N ALA A 288 6.46 18.51 13.71
CA ALA A 288 5.71 17.29 13.49
C ALA A 288 6.46 16.10 14.08
N PRO A 289 5.82 15.28 14.91
CA PRO A 289 6.41 13.98 15.26
C PRO A 289 6.70 13.17 14.00
N ALA A 290 7.81 12.42 14.00
CA ALA A 290 8.14 11.62 12.83
C ALA A 290 6.99 10.70 12.43
N GLU A 291 6.30 10.10 13.40
CA GLU A 291 5.18 9.21 13.04
C GLU A 291 4.00 9.97 12.44
N MET A 292 3.87 11.27 12.70
CA MET A 292 2.83 12.04 12.01
C MET A 292 3.28 12.43 10.61
N TYR A 293 4.56 12.77 10.42
CA TYR A 293 5.05 12.97 9.06
C TYR A 293 4.89 11.69 8.25
N ASP A 294 5.09 10.53 8.89
CA ASP A 294 4.87 9.26 8.17
C ASP A 294 3.44 9.18 7.63
N ILE A 295 2.45 9.53 8.45
CA ILE A 295 1.06 9.54 7.97
C ILE A 295 0.91 10.48 6.79
N MET A 296 1.47 11.70 6.89
CA MET A 296 1.42 12.67 5.80
C MET A 296 1.92 12.07 4.50
N LYS A 297 3.09 11.41 4.53
CA LYS A 297 3.65 10.87 3.30
C LYS A 297 2.75 9.80 2.69
N THR A 298 2.12 8.96 3.52
CA THR A 298 1.23 7.96 2.94
C THR A 298 -0.07 8.60 2.41
N CYS A 299 -0.55 9.67 3.05
CA CYS A 299 -1.72 10.34 2.51
C CYS A 299 -1.45 10.90 1.12
N TRP A 300 -0.19 11.21 0.82
CA TRP A 300 0.21 11.80 -0.45
C TRP A 300 0.76 10.79 -1.44
N ASP A 301 0.45 9.50 -1.29
CA ASP A 301 0.91 8.55 -2.29
C ASP A 301 0.27 8.87 -3.63
N ALA A 302 1.10 8.90 -4.68
CA ALA A 302 0.58 9.10 -6.04
C ALA A 302 -0.52 8.09 -6.39
N ASP A 303 -0.44 6.87 -5.84
CA ASP A 303 -1.44 5.84 -6.06
C ASP A 303 -2.51 5.94 -4.98
N PRO A 304 -3.74 6.34 -5.32
CA PRO A 304 -4.80 6.41 -4.29
C PRO A 304 -4.99 5.12 -3.51
N ASP A 305 -4.76 3.95 -4.11
CA ASP A 305 -4.97 2.68 -3.42
C ASP A 305 -4.00 2.45 -2.28
N LYS A 306 -2.86 3.14 -2.27
CA LYS A 306 -1.87 2.96 -1.23
C LYS A 306 -2.05 3.93 -0.06
N ARG A 307 -2.95 4.90 -0.18
CA ARG A 307 -3.19 5.81 0.94
C ARG A 307 -3.95 5.08 2.05
N PRO A 308 -3.72 5.45 3.32
CA PRO A 308 -4.50 4.85 4.41
C PRO A 308 -5.95 5.30 4.35
N THR A 309 -6.81 4.53 5.02
CA THR A 309 -8.18 4.99 5.25
C THR A 309 -8.23 5.82 6.53
N PHE A 310 -9.31 6.59 6.68
CA PHE A 310 -9.48 7.36 7.91
C PHE A 310 -9.57 6.42 9.11
N LYS A 311 -10.23 5.27 8.95
CA LYS A 311 -10.29 4.29 10.03
C LYS A 311 -8.89 3.84 10.45
N GLN A 312 -7.99 3.65 9.48
CA GLN A 312 -6.62 3.29 9.84
C GLN A 312 -5.87 4.44 10.49
N ILE A 313 -6.13 5.67 10.03
CA ILE A 313 -5.46 6.84 10.59
C ILE A 313 -5.86 7.03 12.05
N VAL A 314 -7.15 6.83 12.36
CA VAL A 314 -7.62 6.95 13.74
C VAL A 314 -6.88 5.96 14.65
N GLN A 315 -6.81 4.70 14.22
CA GLN A 315 -6.13 3.65 15.00
C GLN A 315 -4.66 3.97 15.21
N ASP A 316 -4.00 4.48 14.17
CA ASP A 316 -2.62 4.92 14.26
C ASP A 316 -2.45 6.00 15.31
N ILE A 317 -3.21 7.09 15.18
CA ILE A 317 -3.04 8.24 16.07
C ILE A 317 -3.39 7.87 17.50
N GLU A 318 -4.43 7.06 17.68
CA GLU A 318 -4.80 6.55 19.00
C GLU A 318 -3.59 5.93 19.70
N LYS A 319 -2.85 5.08 18.99
CA LYS A 319 -1.68 4.44 19.59
C LYS A 319 -0.62 5.47 19.94
N GLN A 320 -0.43 6.48 19.08
CA GLN A 320 0.53 7.53 19.41
C GLN A 320 0.14 8.27 20.67
N ILE A 321 -1.15 8.60 20.82
CA ILE A 321 -1.59 9.30 22.03
C ILE A 321 -1.38 8.43 23.25
N SER A 322 -1.72 7.14 23.17
CA SER A 322 -1.56 6.26 24.33
C SER A 322 -0.10 6.13 24.72
N GLU A 323 0.79 6.00 23.73
CA GLU A 323 2.21 5.88 24.02
C GLU A 323 2.80 7.20 24.50
N SER A 324 2.13 8.32 24.22
CA SER A 324 2.59 9.62 24.71
C SER A 324 2.31 9.79 26.20
N THR A 325 1.32 9.08 26.73
CA THR A 325 0.96 9.21 28.14
C THR A 325 2.03 8.62 29.06
N ASN B 19 34.01 4.96 -19.16
CA ASN B 19 33.57 5.93 -18.17
C ASN B 19 34.19 5.62 -16.81
N ASN B 20 34.21 6.61 -15.91
CA ASN B 20 34.95 6.45 -14.66
C ASN B 20 34.15 5.71 -13.59
N TYR B 21 32.84 5.59 -13.74
CA TYR B 21 31.99 4.78 -12.86
C TYR B 21 31.39 3.65 -13.68
N SER B 22 31.31 2.45 -13.08
CA SER B 22 30.67 1.33 -13.77
C SER B 22 30.04 0.39 -12.75
N TYR B 23 29.11 -0.45 -13.21
CA TYR B 23 28.55 -1.48 -12.35
C TYR B 23 29.50 -2.66 -12.29
N ILE B 24 29.77 -3.15 -11.08
CA ILE B 24 30.68 -4.27 -10.88
C ILE B 24 29.98 -5.57 -11.22
N ASP B 25 30.45 -6.26 -12.26
CA ASP B 25 29.82 -7.50 -12.70
C ASP B 25 30.36 -8.63 -11.82
N PRO B 26 29.53 -9.26 -10.99
CA PRO B 26 30.06 -10.24 -10.02
C PRO B 26 30.67 -11.46 -10.70
N THR B 27 30.25 -11.77 -11.92
CA THR B 27 30.86 -12.87 -12.66
C THR B 27 32.23 -12.53 -13.24
N GLN B 28 32.63 -11.25 -13.25
CA GLN B 28 33.99 -10.89 -13.64
C GLN B 28 34.96 -10.89 -12.46
N LEU B 29 34.47 -10.96 -11.24
CA LEU B 29 35.36 -10.92 -10.08
C LEU B 29 36.11 -12.25 -9.96
N PRO B 30 37.32 -12.23 -9.40
CA PRO B 30 38.03 -13.48 -9.18
C PRO B 30 37.25 -14.40 -8.24
N TYR B 31 37.40 -15.71 -8.47
CA TYR B 31 36.99 -16.69 -7.47
C TYR B 31 37.76 -16.46 -6.18
N ASP B 32 37.05 -16.47 -5.06
CA ASP B 32 37.64 -16.27 -3.75
C ASP B 32 37.93 -17.62 -3.11
N HIS B 33 39.22 -17.91 -2.85
CA HIS B 33 39.61 -19.24 -2.38
C HIS B 33 39.24 -19.53 -0.94
N LYS B 34 38.67 -18.56 -0.23
CA LYS B 34 38.05 -18.84 1.06
C LYS B 34 37.03 -19.97 0.95
N TRP B 35 36.44 -20.19 -0.24
CA TRP B 35 35.47 -21.26 -0.39
C TRP B 35 36.10 -22.62 -0.58
N GLU B 36 37.39 -22.68 -0.89
CA GLU B 36 37.96 -23.93 -1.38
C GLU B 36 37.95 -24.99 -0.28
N PHE B 37 37.59 -26.22 -0.66
CA PHE B 37 37.45 -27.37 0.26
C PHE B 37 38.07 -28.60 -0.40
N PRO B 38 38.80 -29.44 0.35
CA PRO B 38 39.49 -30.58 -0.29
C PRO B 38 38.52 -31.59 -0.85
N ARG B 39 38.68 -31.89 -2.13
CA ARG B 39 37.85 -32.84 -2.84
C ARG B 39 37.86 -34.22 -2.16
N ASN B 40 38.98 -34.63 -1.58
CA ASN B 40 39.04 -35.96 -0.97
C ASN B 40 38.24 -36.07 0.32
N ARG B 41 37.71 -34.98 0.86
CA ARG B 41 36.95 -35.03 2.10
C ARG B 41 35.43 -35.10 1.85
N LEU B 42 35.01 -35.32 0.61
CA LEU B 42 33.60 -35.54 0.28
C LEU B 42 33.38 -37.00 -0.05
N SER B 43 32.29 -37.57 0.45
CA SER B 43 31.88 -38.92 0.09
C SER B 43 30.49 -38.84 -0.54
N PHE B 44 30.40 -39.11 -1.84
CA PHE B 44 29.14 -38.96 -2.54
C PHE B 44 28.16 -40.06 -2.17
N GLY B 45 26.89 -39.68 -2.04
CA GLY B 45 25.82 -40.61 -1.78
C GLY B 45 24.78 -40.58 -2.87
N LYS B 46 23.50 -40.56 -2.49
CA LYS B 46 22.40 -40.67 -3.45
C LYS B 46 22.32 -39.46 -4.36
N THR B 47 21.81 -39.67 -5.57
CA THR B 47 21.55 -38.57 -6.48
C THR B 47 20.26 -37.86 -6.08
N LEU B 48 20.33 -36.54 -5.97
CA LEU B 48 19.18 -35.70 -5.63
C LEU B 48 18.50 -35.12 -6.86
N GLY B 49 19.25 -34.84 -7.92
CA GLY B 49 18.65 -34.36 -9.15
C GLY B 49 19.61 -34.62 -10.29
N ALA B 50 19.05 -34.85 -11.48
CA ALA B 50 19.91 -35.18 -12.60
C ALA B 50 19.33 -34.63 -13.89
N GLY B 51 20.22 -34.29 -14.82
CA GLY B 51 19.84 -33.80 -16.13
C GLY B 51 20.87 -34.20 -17.18
N ALA B 52 20.72 -33.67 -18.40
CA ALA B 52 21.61 -34.07 -19.48
C ALA B 52 23.05 -33.64 -19.22
N PHE B 53 23.24 -32.51 -18.53
CA PHE B 53 24.55 -31.89 -18.36
C PHE B 53 25.20 -32.17 -17.01
N GLY B 54 24.46 -32.62 -16.01
CA GLY B 54 25.08 -32.82 -14.70
C GLY B 54 24.09 -33.33 -13.68
N LYS B 55 24.53 -33.32 -12.42
CA LYS B 55 23.67 -33.82 -11.34
C LYS B 55 24.02 -33.13 -10.02
N VAL B 56 23.11 -33.27 -9.07
CA VAL B 56 23.33 -32.86 -7.68
C VAL B 56 23.22 -34.10 -6.81
N VAL B 57 24.20 -34.32 -5.93
CA VAL B 57 24.19 -35.50 -5.08
C VAL B 57 24.24 -35.10 -3.61
N GLU B 58 23.64 -35.92 -2.77
CA GLU B 58 23.89 -35.86 -1.34
C GLU B 58 25.30 -36.34 -1.06
N ALA B 59 25.96 -35.74 -0.09
CA ALA B 59 27.31 -36.20 0.25
C ALA B 59 27.56 -35.94 1.72
N THR B 60 28.57 -36.63 2.25
CA THR B 60 29.11 -36.37 3.57
C THR B 60 30.38 -35.55 3.40
N ALA B 61 30.50 -34.46 4.12
CA ALA B 61 31.67 -33.61 4.05
C ALA B 61 32.40 -33.71 5.39
N GLN B 62 33.59 -34.31 5.37
CA GLN B 62 34.36 -34.51 6.59
C GLN B 62 35.15 -33.26 6.93
N GLY B 63 34.84 -32.64 8.06
CA GLY B 63 35.62 -31.49 8.49
C GLY B 63 35.29 -30.19 7.82
N LEU B 64 34.13 -30.09 7.20
CA LEU B 64 33.63 -28.80 6.73
C LEU B 64 33.07 -28.04 7.92
N ILE B 65 33.44 -26.78 8.06
CA ILE B 65 32.99 -25.93 9.17
C ILE B 65 33.58 -26.34 10.52
N LYS B 66 33.38 -27.59 10.95
CA LYS B 66 34.01 -28.09 12.17
C LYS B 66 35.02 -29.19 11.84
N SER B 67 36.25 -29.05 12.34
CA SER B 67 37.37 -29.90 11.92
C SER B 67 37.10 -31.38 12.12
N ASP B 68 36.43 -31.75 13.22
CA ASP B 68 36.36 -33.16 13.58
C ASP B 68 34.97 -33.75 13.40
N ALA B 69 34.11 -33.07 12.67
CA ALA B 69 32.72 -33.49 12.52
C ALA B 69 32.38 -33.63 11.04
N ALA B 70 31.58 -34.63 10.72
CA ALA B 70 31.02 -34.79 9.39
C ALA B 70 29.65 -34.14 9.31
N MET B 71 29.32 -33.62 8.14
CA MET B 71 28.00 -33.07 7.93
C MET B 71 27.50 -33.45 6.53
N THR B 72 26.19 -33.56 6.42
CA THR B 72 25.55 -33.83 5.13
C THR B 72 25.42 -32.53 4.35
N VAL B 73 25.77 -32.58 3.06
CA VAL B 73 25.71 -31.42 2.16
C VAL B 73 25.11 -31.88 0.84
N ALA B 74 24.89 -30.92 -0.06
CA ALA B 74 24.58 -31.22 -1.46
C ALA B 74 25.72 -30.75 -2.36
N VAL B 75 25.99 -31.49 -3.42
CA VAL B 75 27.13 -31.20 -4.28
C VAL B 75 26.67 -31.18 -5.73
N LYS B 76 26.90 -30.06 -6.41
CA LYS B 76 26.52 -29.86 -7.81
C LYS B 76 27.74 -30.04 -8.71
N MET B 77 27.60 -30.85 -9.77
CA MET B 77 28.73 -31.20 -10.62
C MET B 77 28.27 -31.47 -12.06
N LEU B 78 29.15 -31.18 -13.02
CA LEU B 78 28.86 -31.47 -14.42
C LEU B 78 29.41 -32.84 -14.83
N LYS B 79 28.93 -33.31 -15.95
CA LYS B 79 29.52 -34.51 -16.52
C LYS B 79 30.82 -34.19 -17.24
N PRO B 80 31.73 -35.15 -17.34
CA PRO B 80 32.96 -34.92 -18.14
C PRO B 80 32.71 -34.43 -19.55
N SER B 81 31.63 -34.88 -20.19
CA SER B 81 31.35 -34.46 -21.56
C SER B 81 30.83 -33.03 -21.68
N ALA B 82 30.61 -32.32 -20.58
CA ALA B 82 29.98 -31.01 -20.69
C ALA B 82 30.84 -30.03 -21.48
N HIS B 83 30.19 -29.18 -22.27
CA HIS B 83 30.89 -28.22 -23.12
C HIS B 83 31.21 -26.94 -22.36
N SER B 84 31.96 -26.03 -23.02
CA SER B 84 32.48 -24.86 -22.33
C SER B 84 31.38 -23.94 -21.83
N THR B 85 30.25 -23.83 -22.52
CA THR B 85 29.21 -22.95 -21.98
C THR B 85 28.69 -23.46 -20.65
N GLU B 86 28.64 -24.78 -20.45
CA GLU B 86 28.14 -25.31 -19.18
C GLU B 86 29.18 -25.18 -18.06
N ARG B 87 30.46 -25.41 -18.35
CA ARG B 87 31.48 -25.24 -17.33
C ARG B 87 31.53 -23.79 -16.84
N GLU B 88 31.50 -22.84 -17.77
CA GLU B 88 31.55 -21.45 -17.36
C GLU B 88 30.28 -21.05 -16.63
N ALA B 89 29.14 -21.64 -16.98
CA ALA B 89 27.91 -21.30 -16.28
C ALA B 89 27.93 -21.82 -14.86
N LEU B 90 28.59 -22.95 -14.60
CA LEU B 90 28.72 -23.41 -13.22
C LEU B 90 29.61 -22.48 -12.42
N MET B 91 30.72 -22.05 -13.02
CA MET B 91 31.57 -21.07 -12.36
C MET B 91 30.84 -19.74 -12.15
N SER B 92 30.03 -19.32 -13.13
CA SER B 92 29.29 -18.08 -12.95
C SER B 92 28.29 -18.20 -11.81
N GLU B 93 27.63 -19.36 -11.70
CA GLU B 93 26.72 -19.60 -10.58
C GLU B 93 27.45 -19.51 -9.27
N LEU B 94 28.61 -20.17 -9.19
CA LEU B 94 29.43 -20.09 -7.99
C LEU B 94 29.71 -18.63 -7.63
N LYS B 95 30.07 -17.82 -8.64
CA LYS B 95 30.42 -16.43 -8.37
C LYS B 95 29.21 -15.59 -7.99
N VAL B 96 28.03 -15.87 -8.55
CA VAL B 96 26.83 -15.15 -8.12
C VAL B 96 26.51 -15.49 -6.68
N LEU B 97 26.59 -16.78 -6.31
CA LEU B 97 26.30 -17.18 -4.93
C LEU B 97 27.33 -16.59 -3.95
N SER B 98 28.59 -16.51 -4.37
CA SER B 98 29.62 -15.86 -3.54
CA SER B 98 29.58 -15.87 -3.51
C SER B 98 29.28 -14.39 -3.31
N TYR B 99 28.81 -13.71 -4.36
CA TYR B 99 28.48 -12.29 -4.28
C TYR B 99 27.22 -12.06 -3.45
N LEU B 100 26.20 -12.92 -3.61
CA LEU B 100 24.93 -12.72 -2.91
C LEU B 100 25.10 -12.74 -1.40
N GLY B 101 25.94 -13.64 -0.89
CA GLY B 101 26.04 -13.85 0.53
C GLY B 101 24.89 -14.67 1.09
N ASN B 102 24.91 -14.82 2.41
CA ASN B 102 24.05 -15.77 3.10
C ASN B 102 22.65 -15.22 3.33
N HIS B 103 21.64 -16.07 3.18
CA HIS B 103 20.29 -15.72 3.61
C HIS B 103 19.59 -16.96 4.09
N GLU B 104 18.75 -16.80 5.12
CA GLU B 104 18.02 -17.91 5.70
C GLU B 104 17.13 -18.62 4.68
N ASN B 105 16.62 -17.90 3.69
CA ASN B 105 15.62 -18.49 2.81
C ASN B 105 16.17 -18.82 1.43
N ILE B 106 17.49 -18.97 1.32
CA ILE B 106 18.10 -19.56 0.13
C ILE B 106 18.95 -20.75 0.55
N VAL B 107 19.17 -21.64 -0.41
CA VAL B 107 20.12 -22.75 -0.24
C VAL B 107 21.52 -22.15 -0.35
N ASN B 108 22.24 -22.08 0.76
CA ASN B 108 23.45 -21.29 0.80
C ASN B 108 24.65 -22.07 0.30
N LEU B 109 25.58 -21.33 -0.29
CA LEU B 109 26.90 -21.85 -0.63
C LEU B 109 27.71 -22.17 0.62
N LEU B 110 28.30 -23.36 0.67
CA LEU B 110 29.18 -23.75 1.76
C LEU B 110 30.62 -23.91 1.34
N GLY B 111 30.89 -24.18 0.05
CA GLY B 111 32.26 -24.44 -0.37
C GLY B 111 32.31 -24.83 -1.83
N ALA B 112 33.53 -25.00 -2.33
CA ALA B 112 33.72 -25.41 -3.71
C ALA B 112 35.03 -26.18 -3.85
N CYS B 113 35.10 -27.02 -4.87
CA CYS B 113 36.34 -27.70 -5.24
C CYS B 113 36.68 -27.28 -6.66
N THR B 114 37.74 -26.48 -6.82
CA THR B 114 38.11 -25.93 -8.13
C THR B 114 39.51 -26.31 -8.60
N HIS B 115 40.43 -26.62 -7.68
CA HIS B 115 41.80 -26.98 -8.05
C HIS B 115 41.81 -28.25 -8.90
N GLY B 116 42.41 -28.17 -10.08
CA GLY B 116 42.50 -29.31 -10.96
C GLY B 116 41.21 -29.60 -11.71
N GLY B 117 40.11 -29.84 -11.00
CA GLY B 117 38.83 -30.10 -11.62
C GLY B 117 38.35 -31.51 -11.34
N PRO B 118 37.05 -31.76 -11.59
CA PRO B 118 36.02 -30.85 -12.10
C PRO B 118 35.49 -29.94 -11.02
N THR B 119 34.85 -28.84 -11.39
CA THR B 119 34.31 -27.92 -10.40
C THR B 119 33.17 -28.61 -9.66
N LEU B 120 33.22 -28.55 -8.33
CA LEU B 120 32.13 -29.02 -7.48
C LEU B 120 31.64 -27.83 -6.68
N VAL B 121 30.33 -27.62 -6.64
CA VAL B 121 29.74 -26.55 -5.82
C VAL B 121 29.00 -27.20 -4.66
N ILE B 122 29.37 -26.84 -3.43
CA ILE B 122 28.86 -27.47 -2.21
C ILE B 122 27.85 -26.53 -1.58
N THR B 123 26.61 -27.01 -1.36
CA THR B 123 25.57 -26.18 -0.74
C THR B 123 24.95 -26.92 0.46
N GLU B 124 24.12 -26.19 1.21
CA GLU B 124 23.33 -26.79 2.28
C GLU B 124 22.47 -27.93 1.76
N TYR B 125 22.26 -28.93 2.61
CA TYR B 125 21.34 -30.03 2.35
C TYR B 125 20.02 -29.79 3.08
N CYS B 126 18.89 -29.87 2.34
CA CYS B 126 17.56 -29.66 2.91
C CYS B 126 16.87 -31.01 3.06
N CYS B 127 16.64 -31.44 4.31
CA CYS B 127 16.32 -32.84 4.56
C CYS B 127 14.93 -33.25 4.06
N TYR B 128 13.98 -32.34 3.91
CA TYR B 128 12.65 -32.75 3.47
C TYR B 128 12.45 -32.64 1.97
N GLY B 129 13.45 -32.21 1.21
CA GLY B 129 13.30 -32.16 -0.22
C GLY B 129 12.43 -31.01 -0.71
N ASP B 130 11.97 -31.14 -1.96
CA ASP B 130 11.30 -30.03 -2.60
C ASP B 130 9.85 -29.89 -2.14
N LEU B 131 9.34 -28.65 -2.19
CA LEU B 131 8.02 -28.35 -1.66
C LEU B 131 6.91 -28.97 -2.50
N LEU B 132 7.11 -29.10 -3.81
CA LEU B 132 6.07 -29.68 -4.64
C LEU B 132 5.77 -31.11 -4.21
N ASN B 133 6.80 -31.95 -4.13
CA ASN B 133 6.61 -33.33 -3.68
C ASN B 133 6.10 -33.39 -2.25
N PHE B 134 6.58 -32.49 -1.39
CA PHE B 134 6.13 -32.46 -0.01
C PHE B 134 4.62 -32.20 0.06
N LEU B 135 4.15 -31.18 -0.66
CA LEU B 135 2.73 -30.86 -0.65
C LEU B 135 1.88 -32.02 -1.14
N ARG B 136 2.35 -32.71 -2.18
CA ARG B 136 1.59 -33.83 -2.73
C ARG B 136 1.51 -34.97 -1.72
N ARG B 137 2.59 -35.20 -0.96
CA ARG B 137 2.58 -36.20 0.10
C ARG B 137 1.57 -35.86 1.19
N LYS B 138 1.54 -34.59 1.60
CA LYS B 138 0.71 -34.15 2.72
C LYS B 138 -0.72 -33.81 2.32
N ARG B 139 -1.03 -33.82 1.02
CA ARG B 139 -2.33 -33.34 0.56
C ARG B 139 -3.49 -34.07 1.23
N ASP B 140 -3.41 -35.41 1.31
CA ASP B 140 -4.56 -36.18 1.75
C ASP B 140 -4.92 -35.94 3.21
N GLU B 141 -3.95 -35.55 4.04
CA GLU B 141 -4.20 -35.33 5.46
C GLU B 141 -4.18 -33.85 5.83
N PHE B 142 -4.27 -32.97 4.83
CA PHE B 142 -4.30 -31.53 5.06
C PHE B 142 -5.61 -31.09 5.73
N VAL B 143 -5.52 -30.15 6.65
CA VAL B 143 -6.70 -29.53 7.24
C VAL B 143 -6.52 -28.02 7.28
N PRO B 144 -7.56 -27.23 6.96
CA PRO B 144 -7.46 -25.76 6.96
C PRO B 144 -7.13 -25.16 8.32
N ASP B 155 1.13 -34.88 12.72
CA ASP B 155 1.86 -33.79 12.08
C ASP B 155 1.22 -33.40 10.75
N PHE B 156 0.04 -32.80 10.82
CA PHE B 156 -0.73 -32.46 9.62
C PHE B 156 -0.35 -31.07 9.12
N LEU B 157 -0.25 -30.96 7.79
CA LEU B 157 -0.10 -29.65 7.16
C LEU B 157 -1.37 -28.83 7.37
N THR B 158 -1.19 -27.54 7.64
CA THR B 158 -2.30 -26.62 7.94
C THR B 158 -2.17 -25.36 7.10
N LEU B 159 -3.24 -24.55 7.13
CA LEU B 159 -3.19 -23.25 6.47
C LEU B 159 -2.06 -22.39 7.00
N GLU B 160 -1.78 -22.47 8.31
CA GLU B 160 -0.70 -21.68 8.88
C GLU B 160 0.64 -21.99 8.22
N HIS B 161 0.90 -23.28 7.93
CA HIS B 161 2.12 -23.63 7.22
C HIS B 161 2.18 -22.97 5.85
N LEU B 162 1.06 -22.97 5.12
CA LEU B 162 1.05 -22.40 3.77
C LEU B 162 1.37 -20.91 3.79
N LEU B 163 0.75 -20.16 4.71
CA LEU B 163 1.08 -18.74 4.83
C LEU B 163 2.56 -18.55 5.15
N SER B 164 3.08 -19.34 6.08
CA SER B 164 4.51 -19.24 6.41
C SER B 164 5.38 -19.50 5.19
N PHE B 165 5.08 -20.56 4.44
CA PHE B 165 5.84 -20.83 3.22
C PHE B 165 5.77 -19.67 2.24
N SER B 166 4.57 -19.09 2.02
CA SER B 166 4.47 -17.98 1.08
C SER B 166 5.33 -16.80 1.55
N TYR B 167 5.36 -16.57 2.85
CA TYR B 167 6.10 -15.44 3.41
C TYR B 167 7.61 -15.65 3.27
N GLN B 168 8.08 -16.86 3.57
CA GLN B 168 9.52 -17.12 3.51
C GLN B 168 10.05 -17.04 2.09
N VAL B 169 9.28 -17.53 1.12
CA VAL B 169 9.74 -17.43 -0.27
C VAL B 169 9.76 -15.98 -0.74
N ALA B 170 8.74 -15.20 -0.35
CA ALA B 170 8.75 -13.77 -0.67
C ALA B 170 9.99 -13.09 -0.08
N LYS B 171 10.35 -13.43 1.15
CA LYS B 171 11.51 -12.83 1.80
C LYS B 171 12.80 -13.18 1.06
N GLY B 172 12.94 -14.44 0.65
CA GLY B 172 14.13 -14.82 -0.10
C GLY B 172 14.24 -14.09 -1.43
N MET B 173 13.11 -13.94 -2.13
CA MET B 173 13.13 -13.26 -3.42
C MET B 173 13.37 -11.77 -3.25
N ALA B 174 12.79 -11.16 -2.21
CA ALA B 174 13.09 -9.78 -1.89
C ALA B 174 14.58 -9.59 -1.68
N PHE B 175 15.21 -10.56 -1.02
CA PHE B 175 16.66 -10.50 -0.83
C PHE B 175 17.38 -10.53 -2.18
N LEU B 176 17.01 -11.46 -3.07
CA LEU B 176 17.65 -11.53 -4.38
C LEU B 176 17.52 -10.22 -5.13
N ALA B 177 16.29 -9.69 -5.21
CA ALA B 177 16.03 -8.42 -5.90
C ALA B 177 16.80 -7.28 -5.29
N SER B 178 16.94 -7.26 -3.96
CA SER B 178 17.71 -6.20 -3.32
C SER B 178 19.19 -6.28 -3.71
N LYS B 179 19.65 -7.40 -4.26
CA LYS B 179 21.01 -7.52 -4.77
C LYS B 179 21.08 -7.38 -6.28
N ASN B 180 20.00 -6.88 -6.89
CA ASN B 180 19.83 -6.67 -8.32
C ASN B 180 19.92 -7.98 -9.13
N CYS B 181 19.41 -9.08 -8.55
N CYS B 181 19.42 -9.07 -8.55
CA CYS B 181 19.48 -10.42 -9.13
CA CYS B 181 19.48 -10.37 -9.21
C CYS B 181 18.09 -10.95 -9.42
C CYS B 181 18.08 -10.92 -9.46
N ILE B 182 17.96 -11.69 -10.53
CA ILE B 182 16.75 -12.41 -10.87
C ILE B 182 17.10 -13.89 -10.89
N HIS B 183 16.11 -14.74 -10.60
CA HIS B 183 16.30 -16.19 -10.49
C HIS B 183 15.99 -16.91 -11.78
N ARG B 184 14.88 -16.55 -12.43
CA ARG B 184 14.41 -17.02 -13.73
C ARG B 184 13.82 -18.44 -13.72
N ASP B 185 13.78 -19.15 -12.60
CA ASP B 185 13.07 -20.45 -12.59
C ASP B 185 12.39 -20.68 -11.25
N LEU B 186 11.68 -19.66 -10.76
CA LEU B 186 10.94 -19.80 -9.50
C LEU B 186 9.70 -20.68 -9.71
N ALA B 187 9.54 -21.68 -8.83
CA ALA B 187 8.48 -22.69 -8.92
C ALA B 187 8.58 -23.52 -7.65
N ALA B 188 7.46 -24.16 -7.26
CA ALA B 188 7.49 -24.98 -6.05
C ALA B 188 8.55 -26.08 -6.13
N ARG B 189 8.87 -26.58 -7.32
CA ARG B 189 9.91 -27.61 -7.43
C ARG B 189 11.29 -27.08 -7.06
N ASN B 190 11.49 -25.76 -7.09
CA ASN B 190 12.77 -25.17 -6.72
C ASN B 190 12.72 -24.45 -5.39
N ILE B 191 11.75 -24.81 -4.55
CA ILE B 191 11.74 -24.44 -3.12
C ILE B 191 11.95 -25.71 -2.33
N LEU B 192 12.95 -25.72 -1.43
CA LEU B 192 13.22 -26.88 -0.60
C LEU B 192 12.83 -26.62 0.85
N LEU B 193 12.64 -27.70 1.60
CA LEU B 193 12.21 -27.65 3.00
C LEU B 193 13.23 -28.33 3.90
N THR B 194 13.62 -27.67 4.99
CA THR B 194 14.55 -28.27 5.94
C THR B 194 14.00 -28.19 7.37
N HIS B 195 14.83 -28.48 8.36
CA HIS B 195 14.39 -28.50 9.76
C HIS B 195 13.73 -27.19 10.15
N GLY B 196 12.74 -27.29 11.02
CA GLY B 196 12.10 -26.12 11.57
C GLY B 196 11.12 -25.44 10.63
N ASN B 197 10.63 -26.15 9.62
CA ASN B 197 9.71 -25.61 8.61
C ASN B 197 10.28 -24.41 7.87
N ILE B 198 11.59 -24.40 7.63
CA ILE B 198 12.25 -23.34 6.88
C ILE B 198 12.31 -23.72 5.40
N THR B 199 11.81 -22.83 4.54
CA THR B 199 11.86 -23.01 3.08
C THR B 199 13.03 -22.22 2.49
N LYS B 200 13.67 -22.81 1.48
CA LYS B 200 14.88 -22.26 0.88
C LYS B 200 14.79 -22.33 -0.63
N ILE B 201 15.04 -21.20 -1.30
CA ILE B 201 15.08 -21.16 -2.76
C ILE B 201 16.36 -21.86 -3.24
N CYS B 202 16.24 -22.69 -4.27
CA CYS B 202 17.40 -23.43 -4.78
C CYS B 202 17.56 -23.27 -6.29
N ASP B 203 18.69 -23.81 -6.77
CA ASP B 203 19.10 -23.83 -8.18
C ASP B 203 19.25 -22.44 -8.77
N PHE B 204 20.45 -21.88 -8.65
CA PHE B 204 20.77 -20.57 -9.17
C PHE B 204 21.45 -20.64 -10.53
N GLY B 205 21.26 -21.74 -11.28
CA GLY B 205 21.98 -21.90 -12.53
C GLY B 205 21.63 -20.84 -13.56
N LEU B 206 20.42 -20.30 -13.51
CA LEU B 206 19.99 -19.27 -14.47
C LEU B 206 19.94 -17.88 -13.84
N ALA B 207 20.35 -17.75 -12.58
CA ALA B 207 20.26 -16.45 -11.93
C ALA B 207 21.26 -15.47 -12.55
N ARG B 208 20.84 -14.20 -12.67
CA ARG B 208 21.66 -13.17 -13.33
C ARG B 208 21.62 -11.89 -12.51
N ASP B 209 22.75 -11.18 -12.44
CA ASP B 209 22.77 -9.80 -11.98
C ASP B 209 22.36 -8.92 -13.16
N ILE B 210 21.32 -8.11 -12.99
CA ILE B 210 20.86 -7.29 -14.10
C ILE B 210 21.03 -5.80 -13.76
N LYS B 211 21.99 -5.48 -12.91
CA LYS B 211 22.14 -4.09 -12.46
C LYS B 211 22.35 -3.15 -13.64
N ASN B 212 23.02 -3.62 -14.68
CA ASN B 212 23.40 -2.74 -15.79
C ASN B 212 22.18 -2.30 -16.61
N ASP B 213 21.37 -3.25 -17.10
CA ASP B 213 20.43 -2.98 -18.17
C ASP B 213 18.96 -3.08 -17.77
N SER B 214 18.64 -3.26 -16.49
CA SER B 214 17.28 -3.42 -15.98
C SER B 214 16.56 -4.66 -16.50
N ASN B 215 17.13 -5.40 -17.44
CA ASN B 215 16.55 -6.65 -17.87
C ASN B 215 17.65 -7.59 -18.35
N TYR B 216 17.23 -8.78 -18.77
CA TYR B 216 18.13 -9.76 -19.37
C TYR B 216 17.39 -10.36 -20.54
N VAL B 217 18.02 -10.39 -21.71
CA VAL B 217 17.45 -11.05 -22.89
C VAL B 217 18.14 -12.39 -23.06
N ASP B 218 17.35 -13.46 -23.03
CA ASP B 218 17.89 -14.82 -23.11
C ASP B 218 18.06 -15.21 -24.56
N LYS B 219 19.29 -15.58 -24.94
CA LYS B 219 19.58 -15.92 -26.31
C LYS B 219 19.57 -17.43 -26.50
N ASN B 221 18.63 -21.40 -26.13
CA ASN B 221 17.93 -22.40 -26.93
C ASN B 221 17.38 -23.56 -26.08
N ALA B 222 17.44 -23.42 -24.76
CA ALA B 222 17.10 -24.52 -23.87
C ALA B 222 15.59 -24.70 -23.73
N ARG B 223 15.19 -25.82 -23.14
CA ARG B 223 13.79 -26.03 -22.77
C ARG B 223 13.43 -25.12 -21.62
N LEU B 224 12.22 -24.58 -21.65
CA LEU B 224 11.85 -23.50 -20.74
C LEU B 224 10.59 -23.85 -19.95
N PRO B 225 10.44 -23.29 -18.75
CA PRO B 225 9.27 -23.63 -17.93
C PRO B 225 8.05 -22.77 -18.28
N VAL B 226 7.40 -23.10 -19.41
CA VAL B 226 6.47 -22.17 -20.05
C VAL B 226 5.33 -21.77 -19.11
N LYS B 227 4.78 -22.72 -18.33
CA LYS B 227 3.60 -22.37 -17.53
C LYS B 227 3.92 -21.48 -16.33
N TRP B 228 5.21 -21.24 -16.04
CA TRP B 228 5.61 -20.33 -14.98
C TRP B 228 6.09 -18.97 -15.51
N MET B 229 6.19 -18.80 -16.83
CA MET B 229 6.85 -17.62 -17.42
C MET B 229 5.88 -16.49 -17.69
N ALA B 230 6.37 -15.26 -17.49
CA ALA B 230 5.61 -14.09 -17.87
C ALA B 230 5.47 -14.02 -19.39
N PRO B 231 4.40 -13.41 -19.91
CA PRO B 231 4.21 -13.37 -21.37
C PRO B 231 5.32 -12.65 -22.10
N GLU B 232 5.89 -11.60 -21.50
CA GLU B 232 6.98 -10.92 -22.18
C GLU B 232 8.23 -11.80 -22.25
N SER B 233 8.41 -12.73 -21.30
CA SER B 233 9.51 -13.69 -21.41
C SER B 233 9.26 -14.71 -22.51
N ILE B 234 8.02 -15.16 -22.65
CA ILE B 234 7.72 -16.12 -23.74
C ILE B 234 7.86 -15.44 -25.09
N PHE B 235 7.28 -14.24 -25.24
CA PHE B 235 7.14 -13.64 -26.56
C PHE B 235 8.38 -12.86 -26.99
N ASN B 236 9.16 -12.32 -26.05
CA ASN B 236 10.29 -11.45 -26.37
C ASN B 236 11.57 -11.85 -25.64
N SER B 237 11.55 -12.95 -24.91
CA SER B 237 12.73 -13.49 -24.23
C SER B 237 13.33 -12.48 -23.25
N VAL B 238 12.49 -11.65 -22.64
N VAL B 238 12.52 -11.63 -22.66
CA VAL B 238 12.92 -10.60 -21.72
CA VAL B 238 13.01 -10.60 -21.74
C VAL B 238 12.65 -11.05 -20.30
C VAL B 238 12.68 -11.03 -20.32
N TYR B 239 13.68 -10.97 -19.43
CA TYR B 239 13.53 -11.33 -18.04
C TYR B 239 13.93 -10.13 -17.19
N THR B 240 13.17 -9.89 -16.12
CA THR B 240 13.22 -8.68 -15.30
C THR B 240 12.86 -9.04 -13.86
N PHE B 241 13.03 -8.07 -12.96
CA PHE B 241 12.45 -8.22 -11.63
C PHE B 241 10.98 -8.60 -11.71
N GLU B 242 10.26 -7.99 -12.68
CA GLU B 242 8.82 -8.19 -12.81
C GLU B 242 8.46 -9.58 -13.35
N SER B 243 9.33 -10.22 -14.12
CA SER B 243 8.99 -11.58 -14.55
C SER B 243 9.22 -12.59 -13.44
N ASP B 244 10.17 -12.35 -12.51
CA ASP B 244 10.26 -13.22 -11.33
C ASP B 244 8.97 -13.13 -10.50
N VAL B 245 8.39 -11.93 -10.41
CA VAL B 245 7.17 -11.76 -9.62
C VAL B 245 6.01 -12.55 -10.25
N TRP B 246 5.93 -12.55 -11.58
CA TRP B 246 4.92 -13.38 -12.25
C TRP B 246 5.04 -14.84 -11.80
N SER B 247 6.27 -15.38 -11.85
CA SER B 247 6.48 -16.77 -11.46
C SER B 247 6.12 -17.02 -10.01
N TYR B 248 6.38 -16.04 -9.14
CA TYR B 248 5.97 -16.18 -7.74
C TYR B 248 4.47 -16.34 -7.60
N GLY B 249 3.69 -15.60 -8.40
CA GLY B 249 2.25 -15.80 -8.41
C GLY B 249 1.86 -17.23 -8.79
N ILE B 250 2.53 -17.80 -9.79
CA ILE B 250 2.25 -19.18 -10.14
C ILE B 250 2.60 -20.11 -8.97
N PHE B 251 3.73 -19.83 -8.31
CA PHE B 251 4.11 -20.60 -7.12
C PHE B 251 3.04 -20.56 -6.05
N LEU B 252 2.47 -19.38 -5.80
CA LEU B 252 1.39 -19.27 -4.81
C LEU B 252 0.21 -20.15 -5.19
N TRP B 253 -0.12 -20.20 -6.48
CA TRP B 253 -1.22 -21.06 -6.91
C TRP B 253 -0.88 -22.53 -6.66
N GLU B 254 0.35 -22.93 -6.95
CA GLU B 254 0.78 -24.30 -6.63
C GLU B 254 0.65 -24.57 -5.14
N LEU B 255 1.11 -23.62 -4.32
CA LEU B 255 1.14 -23.83 -2.89
C LEU B 255 -0.26 -24.02 -2.32
N PHE B 256 -1.18 -23.14 -2.67
CA PHE B 256 -2.51 -23.21 -2.07
C PHE B 256 -3.43 -24.20 -2.75
N SER B 257 -3.04 -24.80 -3.87
CA SER B 257 -3.75 -25.95 -4.39
C SER B 257 -3.09 -27.26 -3.97
N LEU B 258 -2.20 -27.20 -2.97
CA LEU B 258 -1.53 -28.38 -2.43
C LEU B 258 -0.79 -29.18 -3.51
N GLY B 259 -0.18 -28.46 -4.45
CA GLY B 259 0.74 -29.10 -5.39
C GLY B 259 0.14 -29.48 -6.72
N SER B 260 -1.00 -28.92 -7.09
CA SER B 260 -1.54 -29.21 -8.41
CA SER B 260 -1.56 -29.19 -8.41
C SER B 260 -0.67 -28.59 -9.49
N SER B 261 -0.64 -29.24 -10.66
CA SER B 261 0.02 -28.64 -11.81
C SER B 261 -0.77 -27.42 -12.27
N PRO B 262 -0.09 -26.33 -12.64
CA PRO B 262 -0.79 -25.14 -13.12
C PRO B 262 -1.48 -25.37 -14.45
N TYR B 263 -2.47 -24.51 -14.71
CA TYR B 263 -3.32 -24.59 -15.90
C TYR B 263 -3.79 -26.01 -16.16
N PRO B 264 -4.55 -26.61 -15.23
CA PRO B 264 -5.00 -27.99 -15.43
C PRO B 264 -5.82 -28.12 -16.69
N GLY B 265 -5.58 -29.20 -17.42
CA GLY B 265 -6.27 -29.47 -18.65
C GLY B 265 -5.85 -28.66 -19.84
N MET B 266 -4.81 -27.84 -19.73
CA MET B 266 -4.38 -27.02 -20.87
C MET B 266 -2.94 -27.37 -21.23
N PRO B 267 -2.71 -28.05 -22.35
CA PRO B 267 -1.32 -28.31 -22.77
C PRO B 267 -0.68 -27.03 -23.31
N VAL B 268 0.65 -27.05 -23.37
CA VAL B 268 1.38 -25.92 -23.96
C VAL B 268 1.31 -26.06 -25.48
N ASP B 269 0.56 -25.17 -26.13
CA ASP B 269 0.36 -25.21 -27.57
C ASP B 269 -0.12 -23.83 -28.01
N SER B 270 -0.54 -23.72 -29.28
CA SER B 270 -0.98 -22.43 -29.81
C SER B 270 -2.09 -21.82 -28.95
N LYS B 271 -3.07 -22.64 -28.54
CA LYS B 271 -4.19 -22.12 -27.77
C LYS B 271 -3.73 -21.60 -26.43
N PHE B 272 -2.75 -22.26 -25.81
CA PHE B 272 -2.25 -21.78 -24.53
C PHE B 272 -1.69 -20.37 -24.66
N TYR B 273 -0.81 -20.14 -25.64
CA TYR B 273 -0.20 -18.82 -25.78
C TYR B 273 -1.24 -17.77 -26.11
N LYS B 274 -2.19 -18.09 -26.98
CA LYS B 274 -3.25 -17.14 -27.31
C LYS B 274 -4.08 -16.78 -26.09
N MET B 275 -4.43 -17.76 -25.25
CA MET B 275 -5.25 -17.47 -24.07
C MET B 275 -4.50 -16.59 -23.06
N ILE B 276 -3.22 -16.88 -22.81
CA ILE B 276 -2.44 -16.07 -21.89
C ILE B 276 -2.33 -14.64 -22.41
N LYS B 277 -2.01 -14.51 -23.71
CA LYS B 277 -1.91 -13.19 -24.31
C LYS B 277 -3.21 -12.41 -24.19
N GLU B 278 -4.34 -13.10 -24.35
CA GLU B 278 -5.63 -12.42 -24.28
C GLU B 278 -6.10 -12.15 -22.85
N GLY B 279 -5.43 -12.66 -21.83
CA GLY B 279 -5.78 -12.34 -20.46
C GLY B 279 -6.32 -13.48 -19.61
N PHE B 280 -6.32 -14.71 -20.08
CA PHE B 280 -6.79 -15.82 -19.26
C PHE B 280 -5.88 -16.00 -18.07
N ARG B 281 -6.47 -16.25 -16.89
CA ARG B 281 -5.72 -16.53 -15.68
C ARG B 281 -6.42 -17.64 -14.90
N MET B 282 -5.64 -18.40 -14.14
CA MET B 282 -6.21 -19.42 -13.26
C MET B 282 -7.12 -18.79 -12.20
N SER B 283 -8.13 -19.56 -11.78
N SER B 283 -8.14 -19.55 -11.78
CA SER B 283 -9.03 -19.18 -10.71
CA SER B 283 -9.04 -19.15 -10.71
C SER B 283 -8.39 -19.43 -9.35
C SER B 283 -8.40 -19.45 -9.36
N SER B 284 -9.08 -19.00 -8.30
CA SER B 284 -8.52 -19.16 -6.95
C SER B 284 -8.46 -20.63 -6.55
N PRO B 285 -7.35 -21.11 -5.99
CA PRO B 285 -7.33 -22.45 -5.41
C PRO B 285 -8.29 -22.55 -4.24
N GLU B 286 -8.74 -23.79 -3.98
CA GLU B 286 -9.77 -24.01 -2.97
C GLU B 286 -9.35 -23.46 -1.61
N TYR B 287 -8.08 -23.58 -1.26
CA TYR B 287 -7.65 -23.25 0.09
C TYR B 287 -6.94 -21.91 0.19
N ALA B 288 -6.94 -21.11 -0.88
CA ALA B 288 -6.25 -19.81 -0.84
C ALA B 288 -7.12 -18.78 -0.13
N PRO B 289 -6.61 -18.08 0.89
CA PRO B 289 -7.33 -16.93 1.41
C PRO B 289 -7.50 -15.87 0.33
N ALA B 290 -8.59 -15.09 0.43
CA ALA B 290 -8.89 -14.09 -0.59
C ALA B 290 -7.72 -13.12 -0.81
N GLU B 291 -7.08 -12.68 0.28
N GLU B 291 -7.08 -12.68 0.28
CA GLU B 291 -5.97 -11.74 0.17
CA GLU B 291 -5.97 -11.75 0.16
C GLU B 291 -4.77 -12.36 -0.54
C GLU B 291 -4.77 -12.36 -0.54
N MET B 292 -4.62 -13.70 -0.47
CA MET B 292 -3.53 -14.33 -1.20
C MET B 292 -3.85 -14.47 -2.68
N TYR B 293 -5.11 -14.77 -3.02
CA TYR B 293 -5.47 -14.74 -4.43
C TYR B 293 -5.32 -13.33 -5.00
N ASP B 294 -5.61 -12.29 -4.20
CA ASP B 294 -5.40 -10.92 -4.67
C ASP B 294 -3.95 -10.72 -5.08
N ILE B 295 -3.00 -11.22 -4.29
CA ILE B 295 -1.60 -11.11 -4.67
C ILE B 295 -1.34 -11.83 -6.00
N MET B 296 -1.82 -13.07 -6.14
CA MET B 296 -1.67 -13.80 -7.38
C MET B 296 -2.10 -12.96 -8.58
N LYS B 297 -3.32 -12.39 -8.49
CA LYS B 297 -3.87 -11.63 -9.61
C LYS B 297 -2.96 -10.47 -10.01
N THR B 298 -2.41 -9.75 -9.02
CA THR B 298 -1.53 -8.63 -9.36
C THR B 298 -0.21 -9.11 -9.92
N CYS B 299 0.31 -10.27 -9.46
CA CYS B 299 1.53 -10.82 -10.04
C CYS B 299 1.35 -11.14 -11.51
N TRP B 300 0.12 -11.42 -11.94
CA TRP B 300 -0.12 -11.83 -13.32
C TRP B 300 -0.66 -10.68 -14.17
N ASP B 301 -0.44 -9.44 -13.76
CA ASP B 301 -0.83 -8.33 -14.63
C ASP B 301 -0.05 -8.39 -15.93
N ALA B 302 -0.76 -8.19 -17.05
CA ALA B 302 -0.10 -8.16 -18.35
C ALA B 302 0.92 -7.03 -18.45
N ASP B 303 0.68 -5.91 -17.76
CA ASP B 303 1.62 -4.80 -17.72
C ASP B 303 2.62 -5.03 -16.61
N PRO B 304 3.90 -5.29 -16.91
CA PRO B 304 4.88 -5.53 -15.84
C PRO B 304 4.97 -4.40 -14.82
N ASP B 305 4.73 -3.16 -15.24
CA ASP B 305 4.82 -2.05 -14.30
C ASP B 305 3.74 -2.09 -13.23
N LYS B 306 2.65 -2.82 -13.46
CA LYS B 306 1.57 -2.87 -12.47
C LYS B 306 1.71 -4.03 -11.49
N ARG B 307 2.69 -4.92 -11.67
CA ARG B 307 2.88 -6.00 -10.74
C ARG B 307 3.49 -5.43 -9.46
N PRO B 308 3.30 -6.09 -8.32
CA PRO B 308 3.97 -5.63 -7.10
C PRO B 308 5.44 -6.00 -7.10
N THR B 309 6.19 -5.36 -6.22
CA THR B 309 7.56 -5.81 -5.96
C THR B 309 7.54 -6.86 -4.86
N PHE B 310 8.65 -7.60 -4.73
CA PHE B 310 8.74 -8.54 -3.61
C PHE B 310 8.73 -7.80 -2.27
N LYS B 311 9.30 -6.60 -2.22
CA LYS B 311 9.25 -5.81 -1.00
C LYS B 311 7.81 -5.53 -0.58
N GLN B 312 6.95 -5.21 -1.57
CA GLN B 312 5.53 -4.96 -1.28
C GLN B 312 4.83 -6.25 -0.86
N ILE B 313 5.17 -7.37 -1.50
CA ILE B 313 4.55 -8.66 -1.17
C ILE B 313 4.88 -9.07 0.26
N VAL B 314 6.15 -8.93 0.65
CA VAL B 314 6.54 -9.26 2.03
C VAL B 314 5.67 -8.52 3.03
N GLN B 315 5.46 -7.23 2.79
CA GLN B 315 4.72 -6.41 3.75
C GLN B 315 3.24 -6.78 3.78
N ASP B 316 2.69 -7.13 2.62
CA ASP B 316 1.30 -7.58 2.53
C ASP B 316 1.10 -8.85 3.33
N ILE B 317 1.94 -9.86 3.09
CA ILE B 317 1.81 -11.14 3.80
C ILE B 317 2.07 -10.96 5.30
N GLU B 318 3.03 -10.11 5.66
CA GLU B 318 3.27 -9.81 7.08
C GLU B 318 1.99 -9.36 7.76
N LYS B 319 1.28 -8.40 7.15
CA LYS B 319 0.02 -7.92 7.71
C LYS B 319 -1.01 -9.04 7.82
N GLN B 320 -1.08 -9.91 6.80
CA GLN B 320 -2.00 -11.05 6.85
C GLN B 320 -1.70 -11.95 8.03
N ILE B 321 -0.44 -12.35 8.19
CA ILE B 321 -0.07 -13.21 9.31
C ILE B 321 -0.36 -12.52 10.63
N SER B 322 -0.10 -11.21 10.71
CA SER B 322 -0.37 -10.45 11.93
C SER B 322 -1.86 -10.39 12.24
N GLU B 323 -2.70 -10.24 11.22
CA GLU B 323 -4.14 -10.28 11.41
C GLU B 323 -4.67 -11.70 11.62
N SER B 324 -3.84 -12.73 11.47
CA SER B 324 -4.27 -14.10 11.65
C SER B 324 -4.16 -14.55 13.10
C15 9OO C . -18.44 28.14 7.61
C17 9OO C . -18.61 29.83 5.81
C20 9OO C . -19.31 30.45 3.29
C21 9OO C . -18.76 31.42 4.13
C23 9OO C . -19.70 30.77 1.84
C24 9OO C . -19.24 32.17 1.47
C25 9OO C . -21.21 30.57 1.64
C26 9OO C . -21.69 29.87 0.54
C27 9OO C . -23.06 29.69 0.37
C01 9OO C . -14.74 33.89 17.16
C04 9OO C . -15.43 33.04 13.70
C05 9OO C . -16.23 32.13 14.38
C06 9OO C . -17.16 31.06 13.76
C07 9OO C . -18.01 30.28 14.48
C09 9OO C . -18.28 29.71 12.35
C10 9OO C . -18.89 28.95 11.31
C12 9OO C . -17.49 29.93 9.48
C13 9OO C . -17.90 30.56 8.15
C16 9OO C . -18.85 27.93 9.08
C19 9OO C . -19.51 29.16 3.81
C28 9OO C . -23.95 30.22 1.30
C29 9OO C . -23.48 30.91 2.41
C30 9OO C . -22.11 31.09 2.59
C33 9OO C . -17.56 29.86 1.11
C34 9OO C . -16.97 28.64 0.35
C36 9OO C . -20.20 27.79 12.86
C38 9OO C . -17.31 30.75 12.43
C39 9OO C . -16.07 32.36 15.75
F31 9OO C . -25.30 30.04 1.18
N02 9OO C . -15.22 33.34 15.87
N03 9OO C . -14.80 33.78 14.63
N08 9OO C . -18.70 29.48 13.57
N11 9OO C . -18.57 29.10 9.91
N14 9OO C . -18.20 29.52 7.17
N18 9OO C . -19.13 28.89 5.05
N22 9OO C . -18.42 31.08 5.38
N32 9OO C . -19.02 29.83 0.99
N35 9OO C . -19.81 28.04 11.58
N37 9OO C . -19.63 28.51 13.84
C15 9OO D . 18.77 -28.53 -6.95
C17 9OO D . 19.13 -29.74 -9.00
C20 9OO D . 20.15 -29.71 -11.49
C21 9OO D . 19.52 -30.86 -11.00
C23 9OO D . 20.69 -29.69 -12.95
C24 9OO D . 20.38 -31.00 -13.69
C25 9OO D . 22.21 -29.44 -12.99
C26 9OO D . 22.71 -28.46 -13.84
C27 9OO D . 24.09 -28.22 -13.88
C01 9OO D . 13.83 -36.53 -1.86
C04 9OO D . 15.99 -34.38 0.07
C05 9OO D . 16.18 -33.90 -1.23
C06 9OO D . 17.09 -32.73 -1.60
C07 9OO D . 17.86 -32.08 -0.67
C09 9OO D . 18.25 -31.07 -2.60
C10 9OO D . 18.89 -30.09 -3.41
C12 9OO D . 17.81 -30.82 -5.59
C13 9OO D . 18.53 -31.04 -6.92
C16 9OO D . 18.95 -28.62 -5.42
C19 9OO D . 20.25 -28.58 -10.65
C28 9OO D . 24.94 -28.99 -13.07
C29 9OO D . 24.44 -29.96 -12.22
C30 9OO D . 23.06 -30.20 -12.17
C33 9OO D . 18.56 -28.81 -13.53
C34 9OO D . 17.78 -27.62 -14.10
C36 9OO D . 20.02 -29.26 -1.53
C38 9OO D . 17.31 -32.13 -2.83
C39 9OO D . 15.39 -34.65 -2.08
F31 9OO D . 26.28 -28.75 -13.11
N02 9OO D . 14.78 -35.54 -1.33
N03 9OO D . 15.11 -35.41 0.00
N08 9OO D . 18.54 -31.08 -1.33
N11 9OO D . 18.70 -29.94 -4.86
N14 9OO D . 18.56 -29.79 -7.67
N18 9OO D . 19.72 -28.64 -9.41
N22 9OO D . 19.01 -30.83 -9.77
N32 9OO D . 20.00 -28.64 -13.64
N35 9OO D . 19.74 -29.22 -2.88
N37 9OO D . 19.41 -30.18 -0.77
#